data_5F7D
#
_entry.id   5F7D
#
_cell.length_a   56.268
_cell.length_b   79.509
_cell.length_c   58.281
_cell.angle_alpha   90.00
_cell.angle_beta   115.96
_cell.angle_gamma   90.00
#
_symmetry.space_group_name_H-M   'P 1 21 1'
#
loop_
_entity.id
_entity.type
_entity.pdbx_description
1 polymer 'HLA class I histocompatibility antigen, A-2 alpha chain'
2 polymer Beta-2-microglobulin
3 polymer 'Peptide G11N'
4 non-polymer GLYCEROL
5 water water
#
loop_
_entity_poly.entity_id
_entity_poly.type
_entity_poly.pdbx_seq_one_letter_code
_entity_poly.pdbx_strand_id
1 'polypeptide(L)'
;SHSMRYFFTSVSRPGRGEPRFIAVGYVDDTQFVRFDSDAASQRMEPRAPWIEQEGPEYWDGETRKVKAHSQTHRVDLGTL
RGYYNQSEAGSHTVQRMYGCDVGSDWRFLRGYHQYAYDGKDYIALKEDLRSWTAADMAAQTTKHKWEAAHVAEQLRAYLE
GTCVEWLRRYLENGKETLQRTDAPKTHMTHHAVSDHEATLRCWALSFYPAEITLTWQRDGEDQTQDTELVETRPAGDGTF
QKWAAVVVPSGQEQRYTCHVQHEGLPKPLTLRW
;
A
2 'polypeptide(L)'
;IQRTPKIQVYSRHPAENGKSNFLNCYVSGFHPSDIEVDLLKNGERIEKVEHSDLSFSKDWSFYLLYYTEFTPTEKDEYAC
RVNHVTLSQPKIVKWDRDM
;
B
3 'polypeptide(L)' GLKEGIPALD C
#
# COMPACT_ATOMS: atom_id res chain seq x y z
N SER A 1 10.18 -16.69 -0.26
CA SER A 1 10.53 -15.28 0.08
C SER A 1 9.45 -14.63 0.96
N HIS A 2 9.85 -14.06 2.09
CA HIS A 2 8.94 -13.37 3.00
C HIS A 2 9.57 -12.09 3.51
N SER A 3 8.73 -11.17 4.00
CA SER A 3 9.19 -9.89 4.55
C SER A 3 8.37 -9.43 5.73
N MET A 4 9.00 -8.62 6.58
CA MET A 4 8.28 -7.81 7.58
C MET A 4 8.68 -6.38 7.28
N ARG A 5 7.71 -5.48 7.29
CA ARG A 5 7.93 -4.07 6.98
C ARG A 5 7.09 -3.17 7.88
N TYR A 6 7.69 -2.07 8.31
CA TYR A 6 7.00 -1.06 9.08
C TYR A 6 7.07 0.23 8.29
N PHE A 7 5.96 0.94 8.21
CA PHE A 7 5.86 2.18 7.45
C PHE A 7 5.39 3.26 8.42
N PHE A 8 6.07 4.40 8.42
CA PHE A 8 5.75 5.50 9.34
C PHE A 8 5.62 6.79 8.59
N THR A 9 4.55 7.51 8.88
CA THR A 9 4.29 8.82 8.32
C THR A 9 4.03 9.76 9.47
N SER A 10 4.73 10.90 9.49
CA SER A 10 4.47 11.96 10.46
C SER A 10 4.24 13.26 9.68
N VAL A 11 3.22 14.01 10.08
CA VAL A 11 2.78 15.21 9.36
C VAL A 11 2.56 16.37 10.33
N SER A 12 3.37 17.42 10.21
CA SER A 12 3.31 18.56 11.11
C SER A 12 2.01 19.32 10.90
N ARG A 13 1.47 19.83 12.00
CA ARG A 13 0.23 20.58 12.03
C ARG A 13 0.49 21.95 12.67
N PRO A 14 0.90 22.93 11.85
CA PRO A 14 1.35 24.22 12.36
C PRO A 14 0.24 25.04 13.06
N GLY A 15 -1.01 24.86 12.65
CA GLY A 15 -2.14 25.53 13.30
C GLY A 15 -2.19 25.34 14.81
N ARG A 16 -2.10 24.09 15.24
CA ARG A 16 -2.20 23.77 16.66
C ARG A 16 -1.74 22.35 16.96
N GLY A 17 -1.04 22.19 18.07
CA GLY A 17 -0.71 20.86 18.56
C GLY A 17 0.38 20.15 17.79
N GLU A 18 0.52 18.88 18.09
CA GLU A 18 1.64 18.07 17.63
C GLU A 18 1.30 17.34 16.33
N PRO A 19 2.32 16.75 15.66
CA PRO A 19 2.11 16.16 14.33
C PRO A 19 1.26 14.91 14.31
N ARG A 20 0.59 14.64 13.19
CA ARG A 20 -0.14 13.38 13.00
C ARG A 20 0.91 12.31 12.73
N PHE A 21 0.80 11.20 13.45
CA PHE A 21 1.72 10.07 13.30
C PHE A 21 0.92 8.80 13.06
N ILE A 22 1.18 8.14 11.93
CA ILE A 22 0.55 6.86 11.60
C ILE A 22 1.64 5.83 11.32
N ALA A 23 1.61 4.73 12.08
CA ALA A 23 2.47 3.57 11.82
C ALA A 23 1.63 2.38 11.36
N VAL A 24 2.15 1.57 10.44
CA VAL A 24 1.52 0.30 10.06
C VAL A 24 2.59 -0.77 9.88
N GLY A 25 2.24 -2.00 10.23
CA GLY A 25 3.12 -3.14 10.07
C GLY A 25 2.53 -4.13 9.10
N TYR A 26 3.40 -4.76 8.33
CA TYR A 26 3.02 -5.76 7.34
C TYR A 26 3.86 -7.01 7.48
N VAL A 27 3.27 -8.16 7.20
CA VAL A 27 4.01 -9.36 6.82
C VAL A 27 3.59 -9.64 5.39
N ASP A 28 4.56 -9.62 4.48
CA ASP A 28 4.29 -9.67 3.05
C ASP A 28 3.20 -8.64 2.73
N ASP A 29 2.02 -9.07 2.25
CA ASP A 29 0.96 -8.11 1.91
C ASP A 29 -0.21 -8.13 2.91
N THR A 30 0.05 -8.60 4.13
CA THR A 30 -0.96 -8.63 5.18
C THR A 30 -0.57 -7.59 6.22
N GLN A 31 -1.39 -6.54 6.37
CA GLN A 31 -1.22 -5.62 7.48
C GLN A 31 -1.58 -6.35 8.78
N PHE A 32 -0.72 -6.24 9.80
CA PHE A 32 -0.97 -6.90 11.09
C PHE A 32 -1.06 -5.99 12.31
N VAL A 33 -0.48 -4.78 12.24
CA VAL A 33 -0.61 -3.81 13.32
C VAL A 33 -0.78 -2.40 12.78
N ARG A 34 -1.33 -1.52 13.62
CA ARG A 34 -1.44 -0.10 13.33
C ARG A 34 -1.19 0.68 14.60
N PHE A 35 -0.77 1.93 14.43
CA PHE A 35 -0.90 2.96 15.44
C PHE A 35 -1.27 4.25 14.71
N ASP A 36 -2.08 5.06 15.39
CA ASP A 36 -2.53 6.34 14.86
C ASP A 36 -2.72 7.30 16.02
N SER A 37 -1.92 8.37 16.07
CA SER A 37 -1.99 9.37 17.14
C SER A 37 -3.41 9.97 17.32
N ASP A 38 -4.10 10.20 16.20
CA ASP A 38 -5.49 10.67 16.24
C ASP A 38 -6.49 9.67 16.82
N ALA A 39 -6.20 8.38 16.77
CA ALA A 39 -7.06 7.38 17.41
C ALA A 39 -7.02 7.48 18.93
N ALA A 40 -8.06 6.91 19.56
CA ALA A 40 -8.35 7.09 20.98
C ALA A 40 -7.61 6.16 21.95
N SER A 41 -7.23 4.96 21.49
CA SER A 41 -6.58 3.99 22.39
C SER A 41 -5.16 4.39 22.82
N GLN A 42 -4.43 5.08 21.94
CA GLN A 42 -3.01 5.36 22.15
C GLN A 42 -2.19 4.08 22.37
N ARG A 43 -2.62 3.00 21.72
CA ARG A 43 -1.97 1.71 21.75
C ARG A 43 -1.71 1.31 20.30
N MET A 44 -0.70 0.48 20.12
CA MET A 44 -0.57 -0.33 18.92
C MET A 44 -1.77 -1.29 18.91
N GLU A 45 -2.51 -1.33 17.81
CA GLU A 45 -3.71 -2.18 17.72
C GLU A 45 -3.49 -3.32 16.72
N PRO A 46 -4.11 -4.50 16.96
CA PRO A 46 -4.05 -5.61 15.99
C PRO A 46 -4.91 -5.37 14.77
N ARG A 47 -4.45 -5.84 13.62
CA ARG A 47 -5.22 -5.80 12.36
C ARG A 47 -5.27 -7.17 11.61
N ALA A 48 -4.78 -8.22 12.26
CA ALA A 48 -4.90 -9.57 11.76
C ALA A 48 -5.08 -10.51 12.98
N PRO A 49 -5.97 -11.52 12.87
CA PRO A 49 -6.28 -12.37 14.03
C PRO A 49 -5.06 -13.06 14.65
N TRP A 50 -4.11 -13.47 13.82
CA TRP A 50 -2.91 -14.19 14.29
C TRP A 50 -1.94 -13.41 15.17
N ILE A 51 -2.02 -12.08 15.19
CA ILE A 51 -1.22 -11.26 16.12
C ILE A 51 -1.97 -11.04 17.44
N GLU A 52 -3.29 -11.21 17.46
CA GLU A 52 -4.07 -11.13 18.72
C GLU A 52 -3.71 -12.25 19.71
N GLN A 53 -3.15 -13.33 19.17
CA GLN A 53 -2.48 -14.37 19.95
C GLN A 53 -1.43 -13.84 20.96
N GLU A 54 -0.86 -12.66 20.71
CA GLU A 54 0.19 -12.10 21.56
C GLU A 54 -0.36 -11.59 22.89
N GLY A 55 0.41 -11.79 23.96
CA GLY A 55 0.01 -11.39 25.31
C GLY A 55 0.15 -9.89 25.58
N PRO A 56 -0.22 -9.43 26.80
CA PRO A 56 -0.17 -8.00 27.15
C PRO A 56 1.25 -7.40 27.08
N GLU A 57 2.24 -8.11 27.61
CA GLU A 57 3.65 -7.69 27.54
C GLU A 57 4.08 -7.34 26.11
N TYR A 58 3.56 -8.05 25.10
CA TYR A 58 3.80 -7.67 23.70
C TYR A 58 3.16 -6.32 23.38
N TRP A 59 1.89 -6.15 23.72
CA TRP A 59 1.19 -4.90 23.41
C TRP A 59 1.70 -3.68 24.15
N ASP A 60 2.16 -3.86 25.39
CA ASP A 60 2.80 -2.79 26.16
C ASP A 60 4.11 -2.37 25.50
N GLY A 61 4.89 -3.37 25.08
CA GLY A 61 6.17 -3.14 24.44
C GLY A 61 6.01 -2.37 23.13
N GLU A 62 5.15 -2.87 22.25
CA GLU A 62 4.95 -2.24 20.94
C GLU A 62 4.35 -0.85 21.04
N THR A 63 3.53 -0.62 22.05
CA THR A 63 2.94 0.68 22.33
C THR A 63 4.01 1.65 22.81
N ARG A 64 4.80 1.24 23.81
CA ARG A 64 5.93 2.05 24.30
C ARG A 64 6.87 2.39 23.17
N LYS A 65 7.35 1.37 22.47
CA LYS A 65 8.24 1.56 21.32
C LYS A 65 7.67 2.45 20.23
N VAL A 66 6.39 2.34 19.91
CA VAL A 66 5.81 3.13 18.82
C VAL A 66 5.64 4.60 19.23
N LYS A 67 5.44 4.85 20.51
CA LYS A 67 5.33 6.22 21.02
C LYS A 67 6.69 6.91 20.99
N ALA A 68 7.73 6.14 21.25
CA ALA A 68 9.10 6.64 21.19
C ALA A 68 9.49 6.92 19.74
N HIS A 69 9.08 6.05 18.83
CA HIS A 69 9.20 6.31 17.38
C HIS A 69 8.51 7.61 17.01
N SER A 70 7.31 7.81 17.55
CA SER A 70 6.53 9.03 17.29
C SER A 70 7.28 10.29 17.68
N GLN A 71 7.86 10.29 18.88
CA GLN A 71 8.65 11.43 19.33
C GLN A 71 9.87 11.66 18.46
N THR A 72 10.56 10.60 18.08
CA THR A 72 11.76 10.71 17.23
C THR A 72 11.44 11.47 15.94
N HIS A 73 10.29 11.16 15.35
CA HIS A 73 9.82 11.83 14.13
C HIS A 73 9.36 13.25 14.36
N ARG A 74 8.78 13.53 15.53
CA ARG A 74 8.38 14.91 15.87
C ARG A 74 9.63 15.78 15.84
N VAL A 75 10.63 15.37 16.59
CA VAL A 75 11.93 16.06 16.68
C VAL A 75 12.59 16.15 15.30
N ASP A 76 12.53 15.07 14.51
CA ASP A 76 13.07 15.07 13.15
C ASP A 76 12.43 16.13 12.27
N LEU A 77 11.12 16.29 12.36
CA LEU A 77 10.43 17.36 11.62
C LEU A 77 10.98 18.76 11.94
N GLY A 78 11.38 19.00 13.19
CA GLY A 78 11.99 20.27 13.59
C GLY A 78 13.37 20.46 13.01
N THR A 79 14.21 19.44 13.17
CA THR A 79 15.55 19.43 12.58
C THR A 79 15.53 19.76 11.08
N LEU A 80 14.67 19.08 10.34
CA LEU A 80 14.58 19.27 8.89
C LEU A 80 14.11 20.64 8.48
N ARG A 81 13.12 21.18 9.20
CA ARG A 81 12.64 22.54 8.94
C ARG A 81 13.77 23.57 9.05
N GLY A 82 14.61 23.40 10.07
CA GLY A 82 15.83 24.17 10.24
C GLY A 82 16.82 23.95 9.10
N TYR A 83 17.18 22.70 8.83
CA TYR A 83 18.12 22.39 7.73
C TYR A 83 17.69 22.96 6.39
N TYR A 84 16.42 22.80 6.03
CA TYR A 84 15.88 23.34 4.77
C TYR A 84 15.41 24.79 4.91
N ASN A 85 15.55 25.36 6.11
CA ASN A 85 15.35 26.79 6.34
C ASN A 85 13.91 27.22 6.02
N GLN A 86 12.97 26.37 6.41
CA GLN A 86 11.56 26.59 6.12
C GLN A 86 10.90 27.27 7.30
N SER A 87 9.82 27.99 7.03
CA SER A 87 9.06 28.66 8.09
C SER A 87 8.29 27.64 8.94
N GLU A 88 7.78 28.12 10.08
CA GLU A 88 6.88 27.33 10.92
C GLU A 88 5.44 27.31 10.40
N ALA A 89 5.12 28.10 9.38
CA ALA A 89 3.77 28.20 8.84
C ALA A 89 3.32 26.98 8.03
N GLY A 90 4.26 26.32 7.36
CA GLY A 90 3.94 25.20 6.47
C GLY A 90 3.85 23.85 7.16
N SER A 91 3.02 22.97 6.60
CA SER A 91 2.92 21.58 7.04
C SER A 91 3.90 20.77 6.21
N HIS A 92 4.71 19.96 6.88
CA HIS A 92 5.70 19.10 6.20
C HIS A 92 5.59 17.62 6.62
N THR A 93 6.07 16.75 5.74
CA THR A 93 5.94 15.31 5.92
C THR A 93 7.28 14.61 6.02
N VAL A 94 7.39 13.73 7.01
CA VAL A 94 8.52 12.84 7.19
C VAL A 94 7.97 11.40 7.02
N GLN A 95 8.72 10.53 6.31
CA GLN A 95 8.32 9.13 6.12
C GLN A 95 9.52 8.19 6.26
N ARG A 96 9.31 7.10 6.99
CA ARG A 96 10.35 6.13 7.28
C ARG A 96 9.80 4.73 6.99
N MET A 97 10.60 3.92 6.30
CA MET A 97 10.32 2.49 6.15
C MET A 97 11.53 1.69 6.60
N TYR A 98 11.29 0.68 7.43
CA TYR A 98 12.30 -0.33 7.68
C TYR A 98 11.75 -1.74 7.78
N GLY A 99 12.63 -2.72 7.66
CA GLY A 99 12.24 -4.12 7.75
C GLY A 99 13.25 -5.09 7.16
N CYS A 100 12.86 -6.37 7.10
CA CYS A 100 13.74 -7.43 6.67
C CYS A 100 13.03 -8.42 5.76
N ASP A 101 13.82 -9.06 4.91
CA ASP A 101 13.39 -10.19 4.09
C ASP A 101 14.10 -11.46 4.53
N VAL A 102 13.43 -12.59 4.37
CA VAL A 102 14.06 -13.91 4.51
C VAL A 102 13.76 -14.70 3.26
N GLY A 103 14.64 -15.66 2.94
CA GLY A 103 14.43 -16.59 1.83
C GLY A 103 13.51 -17.72 2.27
N SER A 104 13.27 -18.67 1.37
CA SER A 104 12.38 -19.80 1.68
C SER A 104 12.85 -20.66 2.88
N ASP A 105 14.16 -20.65 3.13
CA ASP A 105 14.75 -21.27 4.34
C ASP A 105 14.48 -20.52 5.66
N TRP A 106 13.85 -19.34 5.59
CA TRP A 106 13.60 -18.46 6.75
C TRP A 106 14.89 -17.84 7.34
N ARG A 107 15.90 -17.65 6.49
CA ARG A 107 17.19 -17.08 6.91
C ARG A 107 17.34 -15.69 6.31
N PHE A 108 18.06 -14.82 7.04
CA PHE A 108 18.22 -13.42 6.65
C PHE A 108 18.65 -13.33 5.21
N LEU A 109 17.89 -12.56 4.42
CA LEU A 109 18.20 -12.30 3.03
C LEU A 109 18.57 -10.84 2.77
N ARG A 110 17.88 -9.90 3.41
CA ARG A 110 17.99 -8.49 3.06
C ARG A 110 17.47 -7.60 4.18
N GLY A 111 17.99 -6.38 4.27
CA GLY A 111 17.59 -5.40 5.27
C GLY A 111 17.28 -4.07 4.63
N TYR A 112 16.52 -3.25 5.36
CA TYR A 112 15.99 -1.99 4.85
C TYR A 112 15.84 -0.96 5.95
N HIS A 113 16.26 0.27 5.68
CA HIS A 113 15.93 1.41 6.53
C HIS A 113 16.14 2.69 5.73
N GLN A 114 15.03 3.32 5.32
CA GLN A 114 15.11 4.49 4.45
C GLN A 114 14.09 5.54 4.87
N TYR A 115 14.35 6.78 4.46
CA TYR A 115 13.74 7.96 5.02
C TYR A 115 13.55 9.03 3.94
N ALA A 116 12.37 9.66 3.95
CA ALA A 116 12.08 10.76 3.01
C ALA A 116 11.53 11.98 3.74
N TYR A 117 11.72 13.13 3.10
CA TYR A 117 11.17 14.40 3.58
C TYR A 117 10.40 15.04 2.45
N ASP A 118 9.17 15.46 2.72
CA ASP A 118 8.23 15.92 1.70
C ASP A 118 8.23 15.07 0.44
N GLY A 119 8.24 13.74 0.65
CA GLY A 119 8.16 12.78 -0.44
C GLY A 119 9.39 12.57 -1.33
N LYS A 120 10.56 13.01 -0.91
CA LYS A 120 11.77 12.77 -1.69
C LYS A 120 12.81 12.09 -0.82
N ASP A 121 13.62 11.23 -1.44
CA ASP A 121 14.68 10.52 -0.73
C ASP A 121 15.49 11.53 0.06
N TYR A 122 15.78 11.18 1.31
CA TYR A 122 16.67 11.97 2.13
C TYR A 122 17.87 11.10 2.45
N ILE A 123 17.70 10.10 3.32
CA ILE A 123 18.79 9.18 3.64
C ILE A 123 18.31 7.73 3.62
N ALA A 124 19.18 6.82 3.16
CA ALA A 124 18.85 5.38 3.07
C ALA A 124 20.05 4.52 3.43
N LEU A 125 19.82 3.46 4.20
CA LEU A 125 20.86 2.49 4.52
C LEU A 125 21.08 1.63 3.29
N LYS A 126 22.33 1.45 2.87
CA LYS A 126 22.65 0.66 1.67
C LYS A 126 22.50 -0.84 1.94
N GLU A 127 22.46 -1.63 0.87
CA GLU A 127 22.28 -3.10 0.96
C GLU A 127 23.21 -3.77 1.98
N ASP A 128 24.47 -3.33 2.06
CA ASP A 128 25.43 -3.93 2.99
C ASP A 128 25.16 -3.68 4.48
N LEU A 129 24.22 -2.77 4.77
CA LEU A 129 23.84 -2.37 6.13
C LEU A 129 25.02 -1.81 6.93
N ARG A 130 25.91 -1.12 6.21
CA ARG A 130 27.12 -0.50 6.76
C ARG A 130 27.35 0.93 6.31
N SER A 131 26.72 1.36 5.21
CA SER A 131 26.94 2.67 4.64
C SER A 131 25.60 3.28 4.23
N TRP A 132 25.63 4.57 3.90
CA TRP A 132 24.42 5.35 3.63
C TRP A 132 24.43 6.01 2.25
N THR A 133 23.23 6.24 1.72
CA THR A 133 23.00 6.99 0.49
C THR A 133 22.29 8.28 0.88
N ALA A 134 23.06 9.36 1.04
CA ALA A 134 22.53 10.69 1.31
C ALA A 134 22.16 11.41 0.01
N ALA A 135 20.96 11.96 -0.07
CA ALA A 135 20.45 12.54 -1.32
C ALA A 135 20.98 13.94 -1.61
N ASP A 136 21.19 14.74 -0.57
CA ASP A 136 21.62 16.13 -0.70
C ASP A 136 22.51 16.53 0.49
N MET A 137 22.82 17.82 0.63
CA MET A 137 23.80 18.23 1.64
C MET A 137 23.27 18.22 3.07
N ALA A 138 21.94 18.32 3.24
CA ALA A 138 21.35 18.17 4.57
C ALA A 138 21.49 16.73 5.01
N ALA A 139 21.09 15.81 4.13
CA ALA A 139 21.26 14.39 4.40
C ALA A 139 22.74 14.03 4.66
N GLN A 140 23.67 14.68 3.94
CA GLN A 140 25.12 14.51 4.20
C GLN A 140 25.52 14.75 5.65
N THR A 141 24.95 15.80 6.24
CA THR A 141 25.17 16.10 7.65
C THR A 141 24.67 14.98 8.54
N THR A 142 23.47 14.49 8.24
CA THR A 142 22.92 13.34 8.95
C THR A 142 23.82 12.11 8.78
N LYS A 143 24.24 11.86 7.55
CA LYS A 143 25.19 10.78 7.29
C LYS A 143 26.44 10.83 8.19
N HIS A 144 27.08 12.00 8.32
CA HIS A 144 28.27 12.12 9.16
C HIS A 144 27.96 11.86 10.65
N LYS A 145 26.83 12.39 11.10
CA LYS A 145 26.41 12.21 12.50
C LYS A 145 26.07 10.76 12.82
N TRP A 146 25.42 10.08 11.87
CA TRP A 146 25.01 8.69 12.07
C TRP A 146 26.20 7.73 11.98
N GLU A 147 27.15 8.03 11.09
CA GLU A 147 28.43 7.31 11.05
C GLU A 147 29.19 7.45 12.38
N ALA A 148 29.29 8.68 12.89
CA ALA A 148 29.94 8.94 14.17
C ALA A 148 29.28 8.20 15.33
N ALA A 149 27.94 8.16 15.33
CA ALA A 149 27.16 7.44 16.36
C ALA A 149 26.88 5.95 16.09
N HIS A 150 27.46 5.37 15.02
CA HIS A 150 27.36 3.92 14.73
C HIS A 150 25.91 3.43 14.61
N VAL A 151 25.11 4.18 13.87
CA VAL A 151 23.68 3.93 13.73
C VAL A 151 23.48 2.69 12.85
N ALA A 152 24.25 2.62 11.76
CA ALA A 152 24.30 1.45 10.89
C ALA A 152 24.47 0.15 11.66
N GLU A 153 25.52 0.11 12.49
CA GLU A 153 25.81 -1.06 13.35
C GLU A 153 24.61 -1.49 14.19
N GLN A 154 23.89 -0.51 14.76
CA GLN A 154 22.72 -0.78 15.60
C GLN A 154 21.53 -1.30 14.81
N LEU A 155 21.26 -0.69 13.67
CA LEU A 155 20.17 -1.11 12.78
C LEU A 155 20.44 -2.50 12.19
N ARG A 156 21.70 -2.72 11.80
CA ARG A 156 22.15 -3.99 11.27
C ARG A 156 21.85 -5.11 12.26
N ALA A 157 22.22 -4.92 13.52
CA ALA A 157 21.96 -5.93 14.57
C ALA A 157 20.47 -6.27 14.69
N TYR A 158 19.60 -5.27 14.58
CA TYR A 158 18.15 -5.52 14.57
C TYR A 158 17.72 -6.21 13.29
N LEU A 159 18.02 -5.60 12.14
CA LEU A 159 17.53 -6.10 10.86
C LEU A 159 18.04 -7.51 10.51
N GLU A 160 19.27 -7.84 10.90
CA GLU A 160 19.86 -9.17 10.65
C GLU A 160 19.38 -10.23 11.65
N GLY A 161 19.05 -9.80 12.87
CA GLY A 161 18.78 -10.73 13.98
C GLY A 161 17.35 -10.68 14.52
N THR A 162 17.08 -9.68 15.35
CA THR A 162 15.77 -9.51 15.97
C THR A 162 14.61 -9.39 14.96
N CYS A 163 14.83 -8.64 13.88
CA CYS A 163 13.80 -8.48 12.84
C CYS A 163 13.36 -9.82 12.27
N VAL A 164 14.33 -10.64 11.84
CA VAL A 164 14.03 -11.98 11.32
C VAL A 164 13.45 -12.93 12.37
N GLU A 165 13.79 -12.75 13.64
CA GLU A 165 13.18 -13.54 14.72
C GLU A 165 11.68 -13.30 14.86
N TRP A 166 11.26 -12.02 14.78
CA TRP A 166 9.83 -11.69 14.80
C TRP A 166 9.17 -12.27 13.57
N LEU A 167 9.73 -11.98 12.41
CA LEU A 167 9.15 -12.46 11.16
C LEU A 167 8.91 -13.97 11.23
N ARG A 168 9.88 -14.72 11.72
CA ARG A 168 9.76 -16.19 11.92
C ARG A 168 8.60 -16.58 12.83
N ARG A 169 8.54 -15.92 13.98
CA ARG A 169 7.46 -16.12 14.94
C ARG A 169 6.09 -15.91 14.30
N TYR A 170 5.96 -14.78 13.60
CA TYR A 170 4.70 -14.41 12.95
C TYR A 170 4.30 -15.37 11.82
N LEU A 171 5.29 -15.84 11.09
CA LEU A 171 5.06 -16.79 10.01
C LEU A 171 4.51 -18.12 10.53
N GLU A 172 5.10 -18.63 11.62
CA GLU A 172 4.60 -19.82 12.28
C GLU A 172 3.15 -19.57 12.73
N ASN A 173 2.96 -18.51 13.52
CA ASN A 173 1.65 -18.25 14.12
C ASN A 173 0.57 -17.90 13.12
N GLY A 174 0.94 -17.28 12.01
CA GLY A 174 -0.01 -16.93 10.96
C GLY A 174 -0.01 -17.90 9.79
N LYS A 175 0.57 -19.08 9.94
CA LYS A 175 0.84 -19.95 8.78
C LYS A 175 -0.41 -20.34 8.00
N GLU A 176 -1.53 -20.46 8.69
CA GLU A 176 -2.79 -20.82 8.05
C GLU A 176 -3.18 -19.83 6.93
N THR A 177 -2.84 -18.55 7.09
CA THR A 177 -3.07 -17.52 6.04
C THR A 177 -1.80 -17.04 5.36
N LEU A 178 -0.80 -16.65 6.15
CA LEU A 178 0.43 -16.05 5.60
C LEU A 178 1.21 -16.98 4.68
N GLN A 179 1.21 -18.28 4.99
CA GLN A 179 1.87 -19.28 4.16
C GLN A 179 0.96 -20.01 3.17
N ARG A 180 -0.31 -19.57 3.06
CA ARG A 180 -1.23 -20.07 2.06
C ARG A 180 -1.27 -19.05 0.92
N THR A 181 -1.25 -19.54 -0.31
CA THR A 181 -1.50 -18.72 -1.48
C THR A 181 -2.97 -18.87 -1.89
N ASP A 182 -3.53 -17.80 -2.41
CA ASP A 182 -4.87 -17.80 -2.95
C ASP A 182 -4.70 -17.50 -4.43
N ALA A 183 -5.04 -18.49 -5.25
CA ALA A 183 -4.85 -18.37 -6.68
C ALA A 183 -5.97 -17.49 -7.23
N PRO A 184 -5.68 -16.73 -8.30
CA PRO A 184 -6.71 -15.88 -8.86
C PRO A 184 -7.86 -16.65 -9.47
N LYS A 185 -9.08 -16.23 -9.15
CA LYS A 185 -10.27 -16.71 -9.83
C LYS A 185 -10.40 -15.90 -11.11
N THR A 186 -10.08 -16.52 -12.24
CA THR A 186 -10.07 -15.82 -13.52
C THR A 186 -11.31 -16.02 -14.37
N HIS A 187 -11.62 -15.02 -15.18
CA HIS A 187 -12.59 -15.13 -16.23
C HIS A 187 -12.40 -14.00 -17.24
N MET A 188 -13.11 -14.05 -18.35
CA MET A 188 -13.02 -13.05 -19.40
C MET A 188 -14.37 -12.38 -19.64
N THR A 189 -14.37 -11.15 -20.16
CA THR A 189 -15.60 -10.46 -20.56
C THR A 189 -15.45 -9.75 -21.90
N HIS A 190 -16.57 -9.52 -22.58
CA HIS A 190 -16.64 -9.00 -23.94
C HIS A 190 -17.48 -7.71 -23.94
N HIS A 191 -17.03 -6.66 -24.63
CA HIS A 191 -17.77 -5.38 -24.69
C HIS A 191 -17.75 -4.78 -26.10
N ALA A 192 -18.84 -4.97 -26.83
CA ALA A 192 -18.95 -4.44 -28.18
C ALA A 192 -18.92 -2.92 -28.20
N VAL A 193 -17.76 -2.34 -28.49
CA VAL A 193 -17.60 -0.89 -28.69
C VAL A 193 -18.37 -0.40 -29.92
N SER A 194 -18.40 -1.23 -30.97
CA SER A 194 -19.17 -0.95 -32.18
C SER A 194 -19.47 -2.27 -32.91
N ASP A 195 -19.97 -2.18 -34.13
CA ASP A 195 -20.08 -3.34 -35.01
C ASP A 195 -18.71 -3.92 -35.37
N HIS A 196 -17.71 -3.03 -35.54
CA HIS A 196 -16.38 -3.39 -36.04
C HIS A 196 -15.36 -3.76 -34.95
N GLU A 197 -15.51 -3.17 -33.78
CA GLU A 197 -14.47 -3.14 -32.76
C GLU A 197 -15.04 -3.70 -31.47
N ALA A 198 -14.23 -4.46 -30.73
CA ALA A 198 -14.66 -5.07 -29.46
C ALA A 198 -13.53 -5.21 -28.43
N THR A 199 -13.90 -5.19 -27.16
CA THR A 199 -12.94 -5.22 -26.06
C THR A 199 -13.04 -6.51 -25.29
N LEU A 200 -11.92 -7.22 -25.20
CA LEU A 200 -11.81 -8.38 -24.30
C LEU A 200 -11.15 -7.88 -23.06
N ARG A 201 -11.64 -8.36 -21.91
CA ARG A 201 -11.11 -7.99 -20.61
C ARG A 201 -10.90 -9.26 -19.80
N CYS A 202 -9.70 -9.40 -19.27
CA CYS A 202 -9.29 -10.61 -18.61
C CYS A 202 -9.11 -10.29 -17.13
N TRP A 203 -9.79 -11.05 -16.26
CA TRP A 203 -9.94 -10.70 -14.84
C TRP A 203 -9.20 -11.65 -13.95
N ALA A 204 -8.52 -11.13 -12.93
CA ALA A 204 -7.98 -11.94 -11.83
C ALA A 204 -8.50 -11.38 -10.51
N LEU A 205 -9.17 -12.22 -9.72
CA LEU A 205 -9.82 -11.79 -8.49
C LEU A 205 -9.45 -12.68 -7.32
N SER A 206 -9.66 -12.18 -6.12
CA SER A 206 -9.49 -12.94 -4.87
C SER A 206 -8.18 -13.73 -4.75
N PHE A 207 -7.08 -13.06 -5.07
CA PHE A 207 -5.75 -13.69 -5.04
C PHE A 207 -4.79 -13.06 -4.03
N TYR A 208 -3.83 -13.86 -3.59
CA TYR A 208 -2.86 -13.48 -2.58
C TYR A 208 -1.65 -14.37 -2.78
N PRO A 209 -0.42 -13.83 -2.75
CA PRO A 209 -0.10 -12.40 -2.57
C PRO A 209 -0.44 -11.51 -3.77
N ALA A 210 -0.11 -10.23 -3.67
CA ALA A 210 -0.40 -9.23 -4.71
C ALA A 210 0.34 -9.40 -6.04
N GLU A 211 1.54 -9.98 -6.00
CA GLU A 211 2.37 -10.13 -7.20
C GLU A 211 1.68 -11.02 -8.23
N ILE A 212 1.51 -10.49 -9.43
CA ILE A 212 0.82 -11.21 -10.49
C ILE A 212 1.24 -10.63 -11.84
N THR A 213 1.22 -11.44 -12.88
CA THR A 213 1.42 -10.95 -14.24
C THR A 213 0.26 -11.39 -15.11
N LEU A 214 -0.32 -10.41 -15.81
CA LEU A 214 -1.34 -10.64 -16.82
C LEU A 214 -0.77 -10.17 -18.15
N THR A 215 -0.73 -11.07 -19.12
CA THR A 215 -0.25 -10.72 -20.46
C THR A 215 -1.20 -11.22 -21.51
N TRP A 216 -1.39 -10.39 -22.54
CA TRP A 216 -2.12 -10.79 -23.73
C TRP A 216 -1.14 -11.24 -24.79
N GLN A 217 -1.57 -12.18 -25.63
CA GLN A 217 -0.85 -12.49 -26.85
C GLN A 217 -1.78 -12.89 -28.02
N ARG A 218 -1.57 -12.24 -29.16
CA ARG A 218 -2.32 -12.50 -30.38
C ARG A 218 -1.61 -13.60 -31.15
N ASP A 219 -2.36 -14.64 -31.53
CA ASP A 219 -1.81 -15.78 -32.29
C ASP A 219 -0.52 -16.31 -31.66
N GLY A 220 -0.57 -16.61 -30.36
CA GLY A 220 0.60 -17.09 -29.63
C GLY A 220 1.84 -16.18 -29.64
N GLU A 221 1.64 -14.86 -29.63
CA GLU A 221 2.75 -13.90 -29.66
C GLU A 221 2.41 -12.60 -28.89
N ASP A 222 3.15 -12.34 -27.81
CA ASP A 222 2.91 -11.19 -26.93
C ASP A 222 2.52 -9.91 -27.67
N GLN A 223 1.38 -9.32 -27.28
CA GLN A 223 0.89 -8.08 -27.87
C GLN A 223 0.76 -7.02 -26.78
N THR A 224 1.38 -5.87 -27.01
CA THR A 224 1.22 -4.69 -26.13
C THR A 224 0.40 -3.56 -26.77
N GLN A 225 0.31 -3.51 -28.10
CA GLN A 225 -0.52 -2.52 -28.78
C GLN A 225 -2.00 -2.69 -28.38
N ASP A 226 -2.69 -1.57 -28.21
CA ASP A 226 -4.14 -1.56 -27.88
C ASP A 226 -4.54 -2.32 -26.63
N THR A 227 -3.62 -2.48 -25.67
CA THR A 227 -3.92 -3.11 -24.39
C THR A 227 -4.03 -2.05 -23.29
N GLU A 228 -4.49 -2.47 -22.12
CA GLU A 228 -4.47 -1.63 -20.93
C GLU A 228 -4.32 -2.52 -19.71
N LEU A 229 -3.52 -2.05 -18.75
CA LEU A 229 -3.32 -2.70 -17.46
C LEU A 229 -3.73 -1.73 -16.39
N VAL A 230 -4.64 -2.13 -15.50
CA VAL A 230 -4.86 -1.35 -14.29
C VAL A 230 -3.89 -1.78 -13.21
N GLU A 231 -3.60 -0.86 -12.31
CA GLU A 231 -2.80 -1.14 -11.14
C GLU A 231 -3.53 -2.19 -10.30
N THR A 232 -2.76 -3.07 -9.70
CA THR A 232 -3.29 -4.09 -8.81
C THR A 232 -3.92 -3.41 -7.61
N ARG A 233 -5.06 -3.93 -7.15
CA ARG A 233 -5.87 -3.24 -6.15
C ARG A 233 -6.44 -4.17 -5.07
N PRO A 234 -6.63 -3.65 -3.86
CA PRO A 234 -7.09 -4.48 -2.76
C PRO A 234 -8.61 -4.71 -2.81
N ALA A 235 -9.01 -5.97 -2.65
CA ALA A 235 -10.42 -6.33 -2.64
C ALA A 235 -11.15 -5.77 -1.40
N GLY A 236 -10.43 -5.70 -0.28
CA GLY A 236 -10.95 -5.25 1.00
C GLY A 236 -10.93 -6.35 2.03
N ASP A 237 -10.80 -7.59 1.57
CA ASP A 237 -10.85 -8.77 2.43
C ASP A 237 -9.48 -9.47 2.60
N GLY A 238 -8.41 -8.76 2.25
CA GLY A 238 -7.04 -9.29 2.32
C GLY A 238 -6.47 -9.82 1.03
N THR A 239 -7.29 -9.90 -0.01
CA THR A 239 -6.90 -10.39 -1.33
C THR A 239 -6.90 -9.22 -2.30
N PHE A 240 -6.50 -9.49 -3.54
CA PHE A 240 -6.28 -8.45 -4.54
C PHE A 240 -6.98 -8.76 -5.85
N GLN A 241 -7.04 -7.76 -6.72
CA GLN A 241 -7.71 -7.84 -8.00
C GLN A 241 -6.88 -7.16 -9.07
N LYS A 242 -7.02 -7.59 -10.31
CA LYS A 242 -6.36 -6.95 -11.44
C LYS A 242 -7.05 -7.36 -12.70
N TRP A 243 -6.94 -6.52 -13.72
CA TRP A 243 -7.37 -6.89 -15.05
C TRP A 243 -6.57 -6.25 -16.15
N ALA A 244 -6.69 -6.86 -17.32
CA ALA A 244 -6.05 -6.42 -18.52
C ALA A 244 -7.07 -6.52 -19.62
N ALA A 245 -7.11 -5.55 -20.51
CA ALA A 245 -8.02 -5.59 -21.65
C ALA A 245 -7.26 -5.42 -22.96
N VAL A 246 -7.91 -5.80 -24.05
CA VAL A 246 -7.35 -5.62 -25.38
C VAL A 246 -8.48 -5.27 -26.34
N VAL A 247 -8.18 -4.39 -27.30
CA VAL A 247 -9.13 -4.02 -28.33
C VAL A 247 -8.81 -4.86 -29.56
N VAL A 248 -9.87 -5.41 -30.13
CA VAL A 248 -9.80 -6.50 -31.06
C VAL A 248 -10.81 -6.23 -32.20
N PRO A 249 -10.49 -6.62 -33.43
CA PRO A 249 -11.52 -6.56 -34.47
C PRO A 249 -12.64 -7.56 -34.20
N SER A 250 -13.87 -7.15 -34.48
CA SER A 250 -15.05 -7.96 -34.21
C SER A 250 -14.99 -9.24 -35.03
N GLY A 251 -15.16 -10.38 -34.38
CA GLY A 251 -15.08 -11.70 -35.03
C GLY A 251 -13.71 -12.36 -35.01
N GLN A 252 -12.71 -11.67 -34.45
CA GLN A 252 -11.36 -12.22 -34.31
C GLN A 252 -11.00 -12.60 -32.90
N GLU A 253 -12.00 -12.73 -32.03
CA GLU A 253 -11.77 -12.90 -30.59
C GLU A 253 -10.95 -14.15 -30.25
N GLN A 254 -11.10 -15.21 -31.05
CA GLN A 254 -10.43 -16.50 -30.79
C GLN A 254 -8.89 -16.51 -30.97
N ARG A 255 -8.33 -15.52 -31.68
CA ARG A 255 -6.88 -15.39 -31.81
C ARG A 255 -6.19 -15.03 -30.50
N TYR A 256 -6.90 -14.28 -29.65
CA TYR A 256 -6.31 -13.62 -28.50
C TYR A 256 -6.44 -14.49 -27.27
N THR A 257 -5.36 -14.56 -26.51
CA THR A 257 -5.28 -15.38 -25.31
C THR A 257 -4.69 -14.56 -24.18
N CYS A 258 -5.24 -14.76 -22.98
CA CYS A 258 -4.76 -14.08 -21.79
C CYS A 258 -3.97 -15.08 -20.98
N HIS A 259 -2.80 -14.64 -20.51
CA HIS A 259 -1.89 -15.46 -19.75
C HIS A 259 -1.70 -14.91 -18.37
N VAL A 260 -1.78 -15.79 -17.37
CA VAL A 260 -1.84 -15.41 -15.98
C VAL A 260 -0.78 -16.17 -15.16
N GLN A 261 0.22 -15.45 -14.65
CA GLN A 261 1.26 -16.01 -13.80
C GLN A 261 1.05 -15.49 -12.39
N HIS A 262 1.22 -16.40 -11.43
CA HIS A 262 1.00 -16.11 -10.03
C HIS A 262 1.53 -17.28 -9.20
N GLU A 263 2.11 -16.98 -8.04
CA GLU A 263 2.72 -18.00 -7.16
C GLU A 263 1.80 -19.20 -6.84
N GLY A 264 0.52 -18.94 -6.68
CA GLY A 264 -0.50 -19.98 -6.43
C GLY A 264 -0.97 -20.85 -7.59
N LEU A 265 -0.45 -20.59 -8.79
CA LEU A 265 -0.67 -21.45 -9.94
C LEU A 265 0.59 -22.31 -10.17
N PRO A 266 0.45 -23.65 -10.17
CA PRO A 266 1.61 -24.48 -10.51
C PRO A 266 2.12 -24.20 -11.94
N LYS A 267 1.21 -24.19 -12.92
CA LYS A 267 1.52 -23.74 -14.28
C LYS A 267 0.70 -22.48 -14.55
N PRO A 268 1.23 -21.54 -15.36
CA PRO A 268 0.46 -20.39 -15.83
C PRO A 268 -0.84 -20.78 -16.54
N LEU A 269 -1.93 -20.06 -16.27
CA LEU A 269 -3.21 -20.29 -16.95
C LEU A 269 -3.27 -19.53 -18.26
N THR A 270 -4.17 -20.01 -19.11
CA THR A 270 -4.42 -19.41 -20.39
C THR A 270 -5.93 -19.34 -20.58
N LEU A 271 -6.42 -18.19 -21.03
CA LEU A 271 -7.83 -18.01 -21.27
C LEU A 271 -8.05 -17.53 -22.70
N ARG A 272 -9.24 -17.83 -23.24
CA ARG A 272 -9.59 -17.55 -24.64
C ARG A 272 -11.10 -17.38 -24.74
N TRP A 273 -11.57 -16.51 -25.66
CA TRP A 273 -13.00 -16.31 -25.88
C TRP A 273 -13.49 -17.16 -27.04
N ILE B 1 7.51 17.69 -3.02
CA ILE B 1 6.86 17.20 -4.28
C ILE B 1 5.33 17.16 -4.16
N GLN B 2 4.63 17.18 -5.29
CA GLN B 2 3.16 17.07 -5.33
C GLN B 2 2.68 16.17 -6.48
N ARG B 3 2.18 14.98 -6.15
CA ARG B 3 1.63 14.02 -7.11
C ARG B 3 0.10 13.89 -6.98
N THR B 4 -0.59 13.91 -8.12
CA THR B 4 -2.04 13.77 -8.14
C THR B 4 -2.42 12.31 -7.86
N PRO B 5 -3.56 12.07 -7.17
CA PRO B 5 -4.01 10.68 -6.97
C PRO B 5 -4.53 9.96 -8.23
N LYS B 6 -4.18 8.69 -8.37
CA LYS B 6 -4.87 7.79 -9.28
C LYS B 6 -6.08 7.26 -8.52
N ILE B 7 -7.18 7.02 -9.24
CA ILE B 7 -8.47 6.66 -8.62
C ILE B 7 -9.10 5.46 -9.33
N GLN B 8 -9.41 4.41 -8.57
CA GLN B 8 -10.21 3.29 -9.08
C GLN B 8 -11.45 3.13 -8.21
N VAL B 9 -12.60 2.89 -8.83
CA VAL B 9 -13.84 2.66 -8.10
C VAL B 9 -14.48 1.36 -8.60
N TYR B 10 -14.80 0.47 -7.67
CA TYR B 10 -15.13 -0.90 -8.01
C TYR B 10 -15.77 -1.65 -6.84
N SER B 11 -16.45 -2.74 -7.17
CA SER B 11 -17.07 -3.61 -6.18
C SER B 11 -16.09 -4.71 -5.75
N ARG B 12 -16.14 -5.08 -4.48
CA ARG B 12 -15.32 -6.18 -3.95
C ARG B 12 -15.63 -7.51 -4.65
N HIS B 13 -16.90 -7.87 -4.74
CA HIS B 13 -17.33 -9.10 -5.39
C HIS B 13 -18.04 -8.71 -6.68
N PRO B 14 -18.25 -9.67 -7.59
CA PRO B 14 -19.02 -9.35 -8.80
C PRO B 14 -20.44 -8.90 -8.46
N ALA B 15 -20.94 -7.94 -9.22
CA ALA B 15 -22.13 -7.19 -8.83
C ALA B 15 -23.42 -7.83 -9.32
N GLU B 16 -24.34 -8.09 -8.39
CA GLU B 16 -25.69 -8.54 -8.69
C GLU B 16 -26.68 -7.70 -7.91
N ASN B 17 -27.71 -7.23 -8.63
CA ASN B 17 -28.72 -6.37 -8.03
C ASN B 17 -29.43 -7.12 -6.93
N GLY B 18 -29.58 -6.47 -5.78
CA GLY B 18 -30.20 -7.08 -4.62
C GLY B 18 -29.28 -7.97 -3.81
N LYS B 19 -27.98 -8.01 -4.14
CA LYS B 19 -27.03 -8.78 -3.35
C LYS B 19 -26.01 -7.86 -2.73
N SER B 20 -25.94 -7.91 -1.39
CA SER B 20 -25.01 -7.12 -0.60
C SER B 20 -23.55 -7.29 -1.07
N ASN B 21 -22.81 -6.20 -0.95
CA ASN B 21 -21.49 -6.12 -1.55
C ASN B 21 -20.71 -4.99 -0.84
N PHE B 22 -19.49 -4.70 -1.31
CA PHE B 22 -18.70 -3.59 -0.78
C PHE B 22 -18.27 -2.68 -1.93
N LEU B 23 -18.58 -1.38 -1.80
CA LEU B 23 -18.11 -0.40 -2.74
C LEU B 23 -16.74 0.13 -2.28
N ASN B 24 -15.74 0.00 -3.14
CA ASN B 24 -14.37 0.46 -2.89
C ASN B 24 -14.01 1.67 -3.76
N CYS B 25 -13.27 2.60 -3.18
CA CYS B 25 -12.54 3.61 -3.93
C CYS B 25 -11.10 3.57 -3.49
N TYR B 26 -10.24 3.07 -4.37
CA TYR B 26 -8.81 2.99 -4.11
C TYR B 26 -8.18 4.24 -4.66
N VAL B 27 -7.52 4.98 -3.78
CA VAL B 27 -6.73 6.15 -4.20
C VAL B 27 -5.27 5.90 -3.89
N SER B 28 -4.42 6.24 -4.85
CA SER B 28 -2.99 5.92 -4.80
C SER B 28 -2.19 6.87 -5.64
N GLY B 29 -0.88 6.89 -5.38
CA GLY B 29 0.09 7.69 -6.12
C GLY B 29 0.09 9.17 -5.78
N PHE B 30 -0.38 9.53 -4.58
CA PHE B 30 -0.56 10.96 -4.22
C PHE B 30 0.39 11.44 -3.12
N HIS B 31 0.58 12.75 -3.10
CA HIS B 31 1.44 13.42 -2.11
C HIS B 31 1.10 14.92 -2.13
N PRO B 32 0.98 15.58 -0.97
CA PRO B 32 1.05 15.00 0.36
C PRO B 32 -0.16 14.13 0.71
N SER B 33 -0.15 13.63 1.95
CA SER B 33 -1.15 12.65 2.40
C SER B 33 -2.55 13.20 2.61
N ASP B 34 -2.69 14.49 2.91
CA ASP B 34 -4.01 15.08 3.19
C ASP B 34 -4.85 15.02 1.94
N ILE B 35 -6.05 14.43 2.07
CA ILE B 35 -6.92 14.14 0.95
C ILE B 35 -8.36 13.99 1.44
N GLU B 36 -9.31 14.27 0.55
CA GLU B 36 -10.72 14.05 0.86
C GLU B 36 -11.33 13.06 -0.12
N VAL B 37 -11.90 11.99 0.41
CA VAL B 37 -12.52 10.97 -0.41
C VAL B 37 -13.92 10.73 0.10
N ASP B 38 -14.90 10.87 -0.81
CA ASP B 38 -16.30 10.59 -0.49
C ASP B 38 -16.90 9.60 -1.49
N LEU B 39 -17.69 8.67 -0.97
CA LEU B 39 -18.52 7.82 -1.81
C LEU B 39 -19.92 8.41 -1.95
N LEU B 40 -20.42 8.39 -3.19
CA LEU B 40 -21.68 9.00 -3.57
C LEU B 40 -22.72 7.97 -4.04
N LYS B 41 -23.96 8.10 -3.56
CA LYS B 41 -25.11 7.39 -4.11
C LYS B 41 -26.06 8.40 -4.74
N ASN B 42 -26.21 8.34 -6.07
CA ASN B 42 -26.96 9.35 -6.85
C ASN B 42 -26.67 10.82 -6.46
N GLY B 43 -25.38 11.14 -6.32
CA GLY B 43 -24.93 12.49 -5.94
C GLY B 43 -24.78 12.79 -4.46
N GLU B 44 -25.50 12.07 -3.59
CA GLU B 44 -25.47 12.34 -2.14
C GLU B 44 -24.34 11.57 -1.44
N ARG B 45 -23.76 12.18 -0.42
CA ARG B 45 -22.64 11.62 0.32
C ARG B 45 -23.07 10.48 1.28
N ILE B 46 -22.44 9.33 1.15
CA ILE B 46 -22.70 8.18 2.02
C ILE B 46 -21.94 8.35 3.34
N GLU B 47 -22.58 7.95 4.44
CA GLU B 47 -22.19 8.42 5.78
C GLU B 47 -21.31 7.50 6.59
N LYS B 48 -21.54 6.19 6.51
CA LYS B 48 -20.71 5.20 7.24
C LYS B 48 -19.63 4.64 6.30
N VAL B 49 -18.66 5.49 5.97
CA VAL B 49 -17.58 5.16 5.05
C VAL B 49 -16.31 4.99 5.85
N GLU B 50 -15.73 3.81 5.80
CA GLU B 50 -14.50 3.52 6.52
C GLU B 50 -13.34 3.57 5.54
N HIS B 51 -12.12 3.60 6.08
CA HIS B 51 -10.92 3.56 5.25
C HIS B 51 -9.73 2.89 5.90
N SER B 52 -8.77 2.52 5.05
CA SER B 52 -7.56 1.81 5.48
C SER B 52 -6.60 2.73 6.26
N ASP B 53 -5.57 2.12 6.81
CA ASP B 53 -4.54 2.87 7.52
C ASP B 53 -3.51 3.35 6.54
N LEU B 54 -3.20 4.64 6.61
CA LEU B 54 -2.25 5.27 5.69
C LEU B 54 -0.95 4.47 5.53
N SER B 55 -0.56 4.25 4.28
CA SER B 55 0.72 3.65 3.94
C SER B 55 1.16 4.17 2.59
N PHE B 56 2.33 3.70 2.14
CA PHE B 56 2.95 4.21 0.93
C PHE B 56 3.80 3.17 0.22
N SER B 57 4.06 3.46 -1.04
CA SER B 57 4.81 2.62 -1.96
C SER B 57 6.30 2.97 -1.96
N LYS B 58 7.09 2.18 -2.70
CA LYS B 58 8.56 2.38 -2.84
C LYS B 58 8.95 3.83 -3.18
N ASP B 59 8.15 4.49 -4.04
CA ASP B 59 8.38 5.90 -4.43
C ASP B 59 7.83 6.94 -3.43
N TRP B 60 7.51 6.50 -2.21
CA TRP B 60 6.97 7.33 -1.14
C TRP B 60 5.53 7.86 -1.31
N SER B 61 4.90 7.66 -2.47
CA SER B 61 3.53 8.09 -2.68
C SER B 61 2.58 7.23 -1.85
N PHE B 62 1.46 7.84 -1.44
CA PHE B 62 0.51 7.22 -0.51
C PHE B 62 -0.58 6.48 -1.25
N TYR B 63 -1.23 5.57 -0.52
CA TYR B 63 -2.43 4.90 -1.01
C TYR B 63 -3.41 4.65 0.14
N LEU B 64 -4.70 4.63 -0.20
CA LEU B 64 -5.76 4.44 0.76
C LEU B 64 -6.92 3.72 0.07
N LEU B 65 -7.59 2.88 0.85
CA LEU B 65 -8.83 2.26 0.41
C LEU B 65 -9.97 2.83 1.23
N TYR B 66 -10.95 3.42 0.56
CA TYR B 66 -12.19 3.87 1.19
C TYR B 66 -13.28 2.90 0.76
N TYR B 67 -14.06 2.42 1.71
CA TYR B 67 -15.05 1.39 1.42
C TYR B 67 -16.31 1.52 2.25
N THR B 68 -17.39 0.95 1.72
CA THR B 68 -18.65 0.87 2.44
C THR B 68 -19.47 -0.28 1.90
N GLU B 69 -20.38 -0.78 2.72
CA GLU B 69 -21.30 -1.85 2.33
C GLU B 69 -22.37 -1.21 1.45
N PHE B 70 -22.87 -1.96 0.48
CA PHE B 70 -23.99 -1.51 -0.32
C PHE B 70 -24.67 -2.66 -1.05
N THR B 71 -25.91 -2.43 -1.42
CA THR B 71 -26.72 -3.39 -2.15
C THR B 71 -27.10 -2.73 -3.48
N PRO B 72 -26.37 -3.04 -4.57
CA PRO B 72 -26.68 -2.39 -5.84
C PRO B 72 -28.08 -2.67 -6.40
N THR B 73 -28.46 -1.85 -7.37
CA THR B 73 -29.70 -1.99 -8.13
C THR B 73 -29.43 -1.57 -9.57
N GLU B 74 -30.42 -1.74 -10.44
CA GLU B 74 -30.33 -1.26 -11.82
C GLU B 74 -30.27 0.28 -11.84
N LYS B 75 -31.08 0.93 -11.01
CA LYS B 75 -31.26 2.39 -11.05
C LYS B 75 -30.14 3.20 -10.37
N ASP B 76 -29.73 2.77 -9.16
CA ASP B 76 -28.79 3.55 -8.34
C ASP B 76 -27.38 3.72 -8.97
N GLU B 77 -26.94 4.97 -9.09
CA GLU B 77 -25.59 5.33 -9.55
C GLU B 77 -24.67 5.46 -8.34
N TYR B 78 -23.43 5.00 -8.47
CA TYR B 78 -22.44 5.13 -7.41
C TYR B 78 -21.14 5.72 -7.93
N ALA B 79 -20.47 6.51 -7.10
CA ALA B 79 -19.27 7.21 -7.52
C ALA B 79 -18.34 7.54 -6.38
N CYS B 80 -17.09 7.80 -6.73
CA CYS B 80 -16.10 8.26 -5.78
C CYS B 80 -15.77 9.70 -6.12
N ARG B 81 -15.80 10.56 -5.10
CA ARG B 81 -15.43 11.95 -5.26
C ARG B 81 -14.19 12.19 -4.43
N VAL B 82 -13.15 12.70 -5.08
CA VAL B 82 -11.85 12.92 -4.47
C VAL B 82 -11.41 14.38 -4.60
N ASN B 83 -10.96 14.95 -3.49
CA ASN B 83 -10.37 16.28 -3.48
C ASN B 83 -8.97 16.29 -2.83
N HIS B 84 -8.07 17.06 -3.44
CA HIS B 84 -6.63 17.05 -3.10
C HIS B 84 -5.99 18.33 -3.63
N VAL B 85 -4.92 18.78 -2.99
CA VAL B 85 -4.28 20.06 -3.32
C VAL B 85 -3.80 20.19 -4.78
N THR B 86 -3.46 19.06 -5.40
CA THR B 86 -3.11 18.97 -6.81
C THR B 86 -4.26 19.15 -7.78
N LEU B 87 -5.51 19.14 -7.29
CA LEU B 87 -6.68 19.18 -8.15
C LEU B 87 -7.35 20.55 -8.14
N SER B 88 -7.61 21.08 -9.34
CA SER B 88 -8.29 22.38 -9.53
C SER B 88 -9.64 22.37 -8.85
N GLN B 89 -10.46 21.38 -9.21
CA GLN B 89 -11.70 21.07 -8.50
C GLN B 89 -11.76 19.56 -8.24
N PRO B 90 -12.58 19.13 -7.27
CA PRO B 90 -12.69 17.69 -6.96
C PRO B 90 -12.93 16.82 -8.20
N LYS B 91 -12.26 15.66 -8.26
CA LYS B 91 -12.48 14.71 -9.35
C LYS B 91 -13.48 13.65 -8.91
N ILE B 92 -14.33 13.25 -9.84
CA ILE B 92 -15.45 12.36 -9.58
C ILE B 92 -15.36 11.21 -10.58
N VAL B 93 -15.21 9.98 -10.07
CA VAL B 93 -15.18 8.79 -10.92
C VAL B 93 -16.45 7.99 -10.62
N LYS B 94 -17.23 7.74 -11.67
CA LYS B 94 -18.46 6.95 -11.58
C LYS B 94 -18.09 5.47 -11.58
N TRP B 95 -18.82 4.67 -10.80
CA TRP B 95 -18.63 3.22 -10.79
C TRP B 95 -19.26 2.58 -12.03
N ASP B 96 -18.47 1.79 -12.75
CA ASP B 96 -18.97 0.94 -13.84
C ASP B 96 -19.02 -0.52 -13.40
N ARG B 97 -19.92 -1.29 -14.00
CA ARG B 97 -19.97 -2.74 -13.82
C ARG B 97 -18.69 -3.42 -14.33
N ASP B 98 -18.09 -2.86 -15.39
CA ASP B 98 -16.70 -3.15 -15.77
C ASP B 98 -15.78 -2.54 -14.70
N MET B 99 -15.84 -3.13 -13.50
CA MET B 99 -15.38 -2.50 -12.26
C MET B 99 -13.87 -2.56 -12.16
N GLY C 1 7.64 -7.14 15.30
CA GLY C 1 7.99 -6.28 16.46
C GLY C 1 8.91 -5.15 16.08
N LEU C 2 8.61 -3.95 16.57
CA LEU C 2 9.43 -2.75 16.32
C LEU C 2 10.83 -2.84 16.94
N LYS C 3 11.75 -2.08 16.35
CA LYS C 3 13.08 -1.93 16.91
C LYS C 3 13.01 -1.16 18.23
N GLU C 4 13.85 -1.55 19.19
CA GLU C 4 14.05 -0.80 20.43
C GLU C 4 14.86 0.46 20.12
N GLY C 5 14.14 1.53 19.76
CA GLY C 5 14.75 2.81 19.46
C GLY C 5 15.08 2.95 17.98
N ILE C 6 14.83 4.13 17.44
CA ILE C 6 15.31 4.49 16.12
C ILE C 6 16.13 5.77 16.21
N PRO C 7 17.09 5.92 15.27
CA PRO C 7 17.93 7.10 15.32
C PRO C 7 17.14 8.36 15.00
N ALA C 8 17.30 9.37 15.85
CA ALA C 8 16.93 10.73 15.51
C ALA C 8 17.99 11.28 14.55
N LEU C 9 17.61 12.20 13.68
CA LEU C 9 18.57 12.94 12.84
C LEU C 9 19.62 13.72 13.64
N ASP C 10 19.25 14.21 14.81
CA ASP C 10 20.12 15.08 15.61
C ASP C 10 19.75 14.94 17.09
#